data_8HVB
#
_entry.id   8HVB
#
_cell.length_a   53.925
_cell.length_b   51.344
_cell.length_c   86.507
_cell.angle_alpha   90.00
_cell.angle_beta   98.03
_cell.angle_gamma   90.00
#
_symmetry.space_group_name_H-M   'P 1 21 1'
#
loop_
_entity.id
_entity.type
_entity.pdbx_description
1 polymer Lacto-N-biosidase
2 non-polymer beta-D-galactopyranose
3 non-polymer 2-acetamido-2-deoxy-alpha-D-glucopyranose
4 water water
#
_entity_poly.entity_id   1
_entity_poly.type   'polypeptide(L)'
_entity_poly.pdbx_seq_one_letter_code
;GPSAGEGGSAAAAPPEVLPTLREWQGGQGEFTLTDRAGIVLDGVRDSRTAADARRFAGELNGKASVSQGRAARPGDIVLR
QDPAQKGLLGAEGYRLTVGTRITVTAATSTGVFYGTRTVLQLLNDDGRAARGSATDVPAYRERGVGVCACYINISTQWFE
RLMKDMASQKLNQLWIEAKVKSDTDPASAFWGYYTKPQVRTLVAMARKYHIELVPEINSPGHMDTYLENHPELQLKDRDG
VASPPRLDISRPEALAYYTSMVDEALKVWDSRYWHMGADEYMIGSSYPDYPQLQAAARAKFGASATPDDLFTDFINQVNA
HVKADGRSLRIWNDGLAGKNAVVPLDRDITVEHWLSGGSIQQPSSLLAEGRPVMNSAYSLYLVRGGFTMQTQKLYESDWT
PLRFEGQTLTQGAANLTGAKISLWPDSAAAETENEVETKVFMPLRFVAQATWGGPKPSPTYAGFEALARKIGHAPGWENT
DRTPLADGTYRLTTGAKALAPTADAGVSLVKNSAASWALTATADGYYTVRSTESGQCLDAVRGKKYLGAPLEVGAELSLA
NCSTTARTQRWQLDTGAGALTLRNAISQLHLTERASDGAAVQTTGATRLTARAA
;
_entity_poly.pdbx_strand_id   A
#
loop_
_chem_comp.id
_chem_comp.type
_chem_comp.name
_chem_comp.formula
GAL D-saccharide, beta linking beta-D-galactopyranose 'C6 H12 O6'
NDG D-saccharide, alpha linking 2-acetamido-2-deoxy-alpha-D-glucopyranose 'C8 H15 N O6'
#
# COMPACT_ATOMS: atom_id res chain seq x y z
N PRO A 14 -9.70 -3.05 -30.90
CA PRO A 14 -8.53 -2.83 -30.01
C PRO A 14 -8.24 -4.05 -29.16
N PRO A 15 -6.97 -4.29 -28.80
CA PRO A 15 -6.61 -5.43 -27.96
C PRO A 15 -7.24 -5.41 -26.58
N GLU A 16 -7.50 -6.61 -26.09
CA GLU A 16 -8.02 -6.81 -24.75
C GLU A 16 -6.82 -6.90 -23.80
N VAL A 17 -6.40 -5.72 -23.34
CA VAL A 17 -5.31 -5.59 -22.37
C VAL A 17 -5.78 -4.57 -21.33
N LEU A 18 -5.20 -4.65 -20.12
CA LEU A 18 -5.56 -3.74 -19.04
C LEU A 18 -4.31 -3.22 -18.36
N PRO A 19 -4.22 -1.89 -18.13
CA PRO A 19 -5.13 -0.92 -18.71
C PRO A 19 -5.14 -0.95 -20.24
N THR A 20 -6.25 -0.47 -20.82
CA THR A 20 -6.34 -0.41 -22.26
C THR A 20 -5.38 0.63 -22.82
N LEU A 21 -4.97 0.35 -24.09
CA LEU A 21 -4.10 1.26 -24.81
C LEU A 21 -4.82 2.57 -25.10
N ARG A 22 -4.04 3.64 -25.17
CA ARG A 22 -4.62 4.98 -25.35
C ARG A 22 -5.24 5.09 -26.75
N GLU A 23 -4.68 4.36 -27.70
CA GLU A 23 -5.14 4.35 -29.07
C GLU A 23 -4.71 3.03 -29.69
N TRP A 24 -5.30 2.69 -30.81
CA TRP A 24 -4.88 1.48 -31.50
C TRP A 24 -5.18 1.63 -32.97
N GLN A 25 -4.14 1.50 -33.80
CA GLN A 25 -4.31 1.46 -35.24
C GLN A 25 -4.08 0.01 -35.66
N GLY A 26 -5.14 -0.63 -36.15
CA GLY A 26 -5.09 -2.06 -36.42
C GLY A 26 -4.47 -2.33 -37.78
N GLY A 27 -3.87 -3.52 -37.93
CA GLY A 27 -3.46 -3.99 -39.22
C GLY A 27 -3.94 -5.41 -39.44
N GLN A 28 -3.34 -6.04 -40.45
CA GLN A 28 -3.72 -7.37 -40.86
C GLN A 28 -2.64 -8.32 -40.40
N GLY A 29 -3.06 -9.57 -40.19
CA GLY A 29 -2.14 -10.61 -39.75
C GLY A 29 -2.00 -10.72 -38.23
N GLU A 30 -1.09 -11.59 -37.82
CA GLU A 30 -0.87 -11.82 -36.39
C GLU A 30 0.62 -12.08 -36.16
N PHE A 31 1.10 -11.53 -35.03
CA PHE A 31 2.37 -11.96 -34.46
C PHE A 31 2.19 -13.30 -33.75
N THR A 32 3.12 -14.23 -33.91
CA THR A 32 3.08 -15.45 -33.12
C THR A 32 4.42 -15.69 -32.42
N LEU A 33 4.35 -16.11 -31.16
CA LEU A 33 5.56 -16.43 -30.42
C LEU A 33 5.98 -17.86 -30.72
N THR A 34 7.21 -18.01 -31.21
CA THR A 34 7.72 -19.35 -31.49
C THR A 34 8.95 -19.59 -30.60
N ASP A 35 9.47 -20.82 -30.64
CA ASP A 35 10.64 -21.14 -29.84
C ASP A 35 11.89 -20.51 -30.46
N ARG A 36 11.79 -19.94 -31.67
CA ARG A 36 12.88 -19.20 -32.30
C ARG A 36 12.99 -17.77 -31.73
N ALA A 37 11.95 -17.26 -31.04
CA ALA A 37 11.94 -15.84 -30.69
C ALA A 37 13.05 -15.51 -29.69
N GLY A 38 13.59 -14.31 -29.83
CA GLY A 38 14.51 -13.76 -28.87
C GLY A 38 14.03 -12.38 -28.41
N ILE A 39 14.59 -11.93 -27.29
CA ILE A 39 14.38 -10.59 -26.76
C ILE A 39 15.62 -9.77 -27.12
N VAL A 40 15.43 -8.72 -27.94
CA VAL A 40 16.51 -7.91 -28.47
C VAL A 40 16.48 -6.53 -27.83
N LEU A 41 17.56 -6.17 -27.12
CA LEU A 41 17.69 -4.84 -26.55
C LEU A 41 18.50 -4.00 -27.55
N ASP A 42 17.86 -3.21 -28.40
CA ASP A 42 18.68 -2.60 -29.45
C ASP A 42 18.77 -1.09 -29.27
N GLY A 43 18.60 -0.60 -28.04
CA GLY A 43 18.88 0.80 -27.72
C GLY A 43 20.09 0.92 -26.81
N VAL A 44 20.02 1.89 -25.90
CA VAL A 44 21.13 2.16 -25.00
C VAL A 44 21.31 1.01 -24.01
N ARG A 45 22.57 0.82 -23.57
CA ARG A 45 22.88 -0.09 -22.46
C ARG A 45 22.28 0.42 -21.15
N ASP A 46 21.55 -0.47 -20.43
CA ASP A 46 20.95 -0.11 -19.17
C ASP A 46 20.76 -1.40 -18.39
N SER A 47 21.51 -1.52 -17.28
CA SER A 47 21.52 -2.76 -16.51
C SER A 47 20.14 -3.07 -15.94
N ARG A 48 19.37 -2.04 -15.56
CA ARG A 48 18.04 -2.28 -15.01
C ARG A 48 17.13 -2.86 -16.10
N THR A 49 17.15 -2.26 -17.28
CA THR A 49 16.34 -2.75 -18.38
C THR A 49 16.69 -4.19 -18.72
N ALA A 50 17.98 -4.49 -18.74
CA ALA A 50 18.41 -5.85 -19.06
C ALA A 50 17.96 -6.87 -18.00
N ALA A 51 18.07 -6.54 -16.71
CA ALA A 51 17.59 -7.42 -15.64
C ALA A 51 16.08 -7.66 -15.75
N ASP A 52 15.35 -6.57 -15.97
CA ASP A 52 13.92 -6.68 -16.18
C ASP A 52 13.63 -7.55 -17.41
N ALA A 53 14.39 -7.35 -18.49
CA ALA A 53 14.18 -8.14 -19.69
C ALA A 53 14.45 -9.63 -19.48
N ARG A 54 15.43 -10.00 -18.64
CA ARG A 54 15.71 -11.41 -18.35
C ARG A 54 14.55 -12.07 -17.60
N ARG A 55 13.90 -11.33 -16.69
CA ARG A 55 12.68 -11.83 -16.06
C ARG A 55 11.54 -11.98 -17.06
N PHE A 56 11.32 -10.97 -17.88
CA PHE A 56 10.29 -10.96 -18.90
C PHE A 56 10.42 -12.14 -19.85
N ALA A 57 11.65 -12.39 -20.31
CA ALA A 57 11.94 -13.51 -21.21
C ALA A 57 11.47 -14.81 -20.56
N GLY A 58 11.63 -14.92 -19.24
CA GLY A 58 11.23 -16.13 -18.55
C GLY A 58 9.72 -16.23 -18.35
N GLU A 59 9.03 -15.10 -18.32
CA GLU A 59 7.59 -15.03 -18.05
C GLU A 59 6.76 -15.40 -19.29
N LEU A 60 7.41 -15.47 -20.45
CA LEU A 60 6.80 -15.98 -21.68
C LEU A 60 6.97 -17.49 -21.74
N ASN A 61 6.05 -18.15 -22.45
CA ASN A 61 6.15 -19.58 -22.71
C ASN A 61 7.43 -19.82 -23.51
N GLY A 62 8.13 -20.94 -23.24
CA GLY A 62 9.31 -21.33 -24.02
C GLY A 62 10.62 -20.79 -23.42
N LYS A 63 11.63 -20.62 -24.29
CA LYS A 63 12.99 -20.30 -23.88
C LYS A 63 13.59 -19.20 -24.76
N ALA A 64 13.25 -17.93 -24.49
CA ALA A 64 13.80 -16.82 -25.27
C ALA A 64 15.08 -16.33 -24.60
N SER A 65 16.13 -16.11 -25.40
CA SER A 65 17.38 -15.53 -24.93
C SER A 65 17.26 -14.01 -25.04
N VAL A 66 17.95 -13.30 -24.13
CA VAL A 66 18.13 -11.85 -24.25
C VAL A 66 19.48 -11.54 -24.88
N SER A 67 19.50 -10.62 -25.85
CA SER A 67 20.74 -10.16 -26.46
C SER A 67 20.74 -8.65 -26.63
N GLN A 68 21.95 -8.07 -26.69
CA GLN A 68 22.06 -6.66 -27.03
C GLN A 68 23.25 -6.44 -27.95
N GLY A 69 23.37 -7.26 -29.00
CA GLY A 69 24.44 -7.14 -29.97
C GLY A 69 24.00 -7.43 -31.41
N ARG A 70 22.94 -8.21 -31.59
CA ARG A 70 22.50 -8.54 -32.93
C ARG A 70 21.28 -7.69 -33.31
N ALA A 71 21.12 -7.48 -34.62
CA ALA A 71 19.92 -6.87 -35.17
C ALA A 71 18.69 -7.74 -34.90
N ALA A 72 17.55 -7.05 -34.79
CA ALA A 72 16.26 -7.70 -34.61
C ALA A 72 15.88 -8.43 -35.90
N ARG A 73 14.95 -9.38 -35.74
CA ARG A 73 14.56 -10.27 -36.80
C ARG A 73 13.05 -10.43 -36.69
N PRO A 74 12.38 -10.92 -37.74
CA PRO A 74 10.98 -11.34 -37.60
C PRO A 74 10.83 -12.34 -36.47
N GLY A 75 9.75 -12.20 -35.71
CA GLY A 75 9.46 -13.09 -34.60
C GLY A 75 10.04 -12.65 -33.25
N ASP A 76 10.97 -11.70 -33.25
CA ASP A 76 11.59 -11.23 -32.02
C ASP A 76 10.66 -10.27 -31.29
N ILE A 77 10.94 -10.08 -29.99
CA ILE A 77 10.43 -8.99 -29.18
C ILE A 77 11.58 -8.01 -28.99
N VAL A 78 11.41 -6.79 -29.54
CA VAL A 78 12.46 -5.80 -29.56
C VAL A 78 12.15 -4.73 -28.51
N LEU A 79 13.10 -4.56 -27.58
CA LEU A 79 13.00 -3.54 -26.57
C LEU A 79 14.02 -2.46 -26.87
N ARG A 80 13.53 -1.32 -27.34
CA ARG A 80 14.37 -0.23 -27.81
C ARG A 80 14.29 0.96 -26.87
N GLN A 81 15.32 1.11 -26.00
CA GLN A 81 15.41 2.24 -25.08
C GLN A 81 16.18 3.37 -25.77
N ASP A 82 15.47 4.47 -26.05
CA ASP A 82 16.05 5.60 -26.78
C ASP A 82 15.77 6.89 -26.02
N PRO A 83 16.75 7.42 -25.27
CA PRO A 83 16.50 8.57 -24.41
C PRO A 83 16.06 9.83 -25.16
N ALA A 84 16.37 9.91 -26.45
CA ALA A 84 15.95 11.06 -27.24
C ALA A 84 14.43 11.10 -27.37
N GLN A 85 13.74 9.97 -27.14
CA GLN A 85 12.28 9.89 -27.21
C GLN A 85 11.60 10.40 -25.93
N LYS A 86 12.36 10.95 -24.98
CA LYS A 86 11.78 11.37 -23.71
C LYS A 86 10.75 12.49 -23.87
N GLY A 87 10.97 13.39 -24.84
CA GLY A 87 10.01 14.45 -25.01
C GLY A 87 8.65 13.88 -25.43
N LEU A 88 8.68 12.96 -26.39
CA LEU A 88 7.48 12.39 -27.00
C LEU A 88 6.78 11.42 -26.04
N LEU A 89 7.56 10.58 -25.36
CA LEU A 89 6.99 9.44 -24.64
C LEU A 89 7.00 9.65 -23.14
N GLY A 90 7.75 10.67 -22.69
CA GLY A 90 7.85 10.94 -21.27
C GLY A 90 8.67 9.88 -20.54
N ALA A 91 8.51 9.90 -19.22
CA ALA A 91 9.23 9.00 -18.35
C ALA A 91 8.63 7.59 -18.29
N GLU A 92 7.35 7.44 -18.70
CA GLU A 92 6.66 6.16 -18.54
C GLU A 92 5.99 5.61 -19.80
N GLY A 93 5.95 6.39 -20.89
CA GLY A 93 5.23 5.96 -22.09
C GLY A 93 6.08 5.08 -22.98
N TYR A 94 5.43 4.49 -23.97
CA TYR A 94 6.14 3.66 -24.93
C TYR A 94 5.33 3.67 -26.23
N ARG A 95 6.00 3.26 -27.31
CA ARG A 95 5.38 3.03 -28.59
C ARG A 95 5.44 1.54 -28.90
N LEU A 96 4.28 0.97 -29.14
CA LEU A 96 4.18 -0.46 -29.39
C LEU A 96 3.83 -0.68 -30.85
N THR A 97 4.59 -1.58 -31.48
CA THR A 97 4.24 -2.11 -32.81
C THR A 97 4.10 -3.63 -32.69
N VAL A 98 2.93 -4.15 -33.04
CA VAL A 98 2.77 -5.59 -33.22
C VAL A 98 2.76 -5.83 -34.71
N GLY A 99 3.87 -6.41 -35.22
CA GLY A 99 4.00 -6.76 -36.62
C GLY A 99 4.45 -8.20 -36.78
N THR A 100 5.36 -8.41 -37.74
CA THR A 100 6.07 -9.68 -37.85
C THR A 100 7.02 -9.85 -36.67
N ARG A 101 7.42 -8.72 -36.06
CA ARG A 101 8.08 -8.69 -34.78
C ARG A 101 7.31 -7.72 -33.89
N ILE A 102 7.51 -7.84 -32.57
CA ILE A 102 6.96 -6.84 -31.64
C ILE A 102 8.06 -5.87 -31.29
N THR A 103 7.73 -4.56 -31.32
CA THR A 103 8.71 -3.56 -30.93
C THR A 103 8.08 -2.71 -29.84
N VAL A 104 8.83 -2.53 -28.75
CA VAL A 104 8.54 -1.57 -27.70
C VAL A 104 9.65 -0.54 -27.73
N THR A 105 9.29 0.73 -28.03
CA THR A 105 10.22 1.84 -27.98
C THR A 105 9.84 2.72 -26.78
N ALA A 106 10.80 3.05 -25.93
CA ALA A 106 10.58 3.95 -24.81
C ALA A 106 11.82 4.77 -24.51
N ALA A 107 11.65 5.82 -23.73
CA ALA A 107 12.79 6.67 -23.38
C ALA A 107 13.54 6.19 -22.15
N THR A 108 12.90 5.35 -21.32
CA THR A 108 13.40 5.00 -19.99
C THR A 108 13.22 3.50 -19.78
N SER A 109 13.90 2.99 -18.75
CA SER A 109 13.70 1.64 -18.26
C SER A 109 12.23 1.43 -17.85
N THR A 110 11.61 2.44 -17.24
CA THR A 110 10.25 2.29 -16.78
C THR A 110 9.32 2.09 -17.98
N GLY A 111 9.49 2.92 -19.00
CA GLY A 111 8.69 2.83 -20.19
C GLY A 111 8.83 1.47 -20.89
N VAL A 112 10.05 0.96 -20.97
CA VAL A 112 10.24 -0.37 -21.53
C VAL A 112 9.49 -1.39 -20.69
N PHE A 113 9.66 -1.34 -19.36
CA PHE A 113 8.95 -2.25 -18.46
C PHE A 113 7.43 -2.25 -18.68
N TYR A 114 6.81 -1.07 -18.68
CA TYR A 114 5.39 -1.00 -18.93
C TYR A 114 5.01 -1.61 -20.27
N GLY A 115 5.77 -1.31 -21.33
CA GLY A 115 5.56 -1.95 -22.63
C GLY A 115 5.54 -3.47 -22.51
N THR A 116 6.47 -4.06 -21.75
CA THR A 116 6.55 -5.50 -21.60
C THR A 116 5.36 -6.02 -20.79
N ARG A 117 4.76 -5.20 -19.89
CA ARG A 117 3.52 -5.62 -19.23
C ARG A 117 2.41 -5.82 -20.24
N THR A 118 2.32 -4.91 -21.23
CA THR A 118 1.32 -5.06 -22.26
C THR A 118 1.59 -6.32 -23.09
N VAL A 119 2.84 -6.51 -23.51
CA VAL A 119 3.19 -7.66 -24.34
C VAL A 119 2.80 -8.98 -23.68
N LEU A 120 3.11 -9.12 -22.40
CA LEU A 120 2.72 -10.33 -21.70
C LEU A 120 1.21 -10.59 -21.81
N GLN A 121 0.41 -9.55 -21.63
CA GLN A 121 -1.03 -9.69 -21.73
C GLN A 121 -1.47 -10.01 -23.15
N LEU A 122 -0.83 -9.43 -24.15
CA LEU A 122 -1.15 -9.71 -25.55
C LEU A 122 -0.94 -11.19 -25.93
N LEU A 123 0.04 -11.82 -25.29
CA LEU A 123 0.48 -13.17 -25.65
C LEU A 123 -0.06 -14.22 -24.69
N ASN A 124 -0.77 -13.79 -23.64
CA ASN A 124 -1.23 -14.65 -22.55
C ASN A 124 -2.07 -15.83 -23.03
N ASP A 125 -3.10 -15.59 -23.87
CA ASP A 125 -4.07 -16.62 -24.21
C ASP A 125 -3.45 -17.71 -25.06
N ASP A 126 -2.76 -17.38 -26.16
CA ASP A 126 -2.32 -18.40 -27.11
C ASP A 126 -1.01 -18.07 -27.82
N GLY A 127 -0.28 -17.07 -27.31
CA GLY A 127 0.99 -16.67 -27.87
C GLY A 127 0.86 -16.00 -29.24
N ARG A 128 -0.35 -15.52 -29.53
CA ARG A 128 -0.61 -14.81 -30.78
C ARG A 128 -1.31 -13.50 -30.49
N ALA A 129 -1.04 -12.51 -31.35
CA ALA A 129 -1.60 -11.17 -31.16
C ALA A 129 -1.87 -10.55 -32.53
N ALA A 130 -3.08 -10.00 -32.69
CA ALA A 130 -3.39 -9.26 -33.90
C ALA A 130 -2.45 -8.06 -34.07
N ARG A 131 -2.08 -7.79 -35.33
CA ARG A 131 -1.13 -6.74 -35.67
C ARG A 131 -1.77 -5.35 -35.61
N GLY A 132 -0.91 -4.39 -35.34
CA GLY A 132 -1.34 -3.00 -35.15
C GLY A 132 -0.30 -2.23 -34.35
N SER A 133 -0.66 -1.01 -33.94
CA SER A 133 0.27 -0.19 -33.21
C SER A 133 -0.45 0.79 -32.29
N ALA A 134 0.30 1.27 -31.28
CA ALA A 134 -0.18 2.31 -30.37
C ALA A 134 0.97 3.12 -29.80
N THR A 135 0.75 4.43 -29.63
CA THR A 135 1.53 5.26 -28.73
C THR A 135 0.76 5.27 -27.42
N ASP A 136 1.38 4.69 -26.38
CA ASP A 136 0.70 4.43 -25.11
C ASP A 136 1.43 5.18 -23.99
N VAL A 137 0.82 6.30 -23.54
CA VAL A 137 1.39 7.21 -22.58
C VAL A 137 0.30 7.48 -21.54
N PRO A 138 0.60 7.44 -20.22
CA PRO A 138 -0.47 7.64 -19.23
C PRO A 138 -1.13 9.02 -19.26
N ALA A 139 -2.45 9.04 -19.07
CA ALA A 139 -3.19 10.30 -19.03
C ALA A 139 -2.90 11.06 -17.75
N TYR A 140 -2.53 10.38 -16.65
CA TYR A 140 -2.24 10.98 -15.35
C TYR A 140 -0.88 10.48 -14.83
N ARG A 141 -0.16 11.34 -14.12
CA ARG A 141 1.21 11.03 -13.74
C ARG A 141 1.27 10.30 -12.40
N GLU A 142 0.18 10.34 -11.63
CA GLU A 142 0.15 9.68 -10.32
C GLU A 142 -0.97 8.65 -10.32
N ARG A 143 -0.59 7.36 -10.23
CA ARG A 143 -1.54 6.28 -10.39
C ARG A 143 -1.31 5.32 -9.22
N GLY A 144 -2.19 5.38 -8.22
CA GLY A 144 -1.76 4.97 -6.90
C GLY A 144 -2.63 3.95 -6.19
N VAL A 145 -1.96 3.31 -5.24
CA VAL A 145 -2.58 2.56 -4.17
C VAL A 145 -2.00 3.08 -2.85
N GLY A 146 -2.86 3.25 -1.85
CA GLY A 146 -2.42 3.61 -0.51
C GLY A 146 -2.78 2.52 0.50
N VAL A 147 -1.84 2.25 1.40
CA VAL A 147 -2.07 1.30 2.48
C VAL A 147 -1.73 1.98 3.80
N CYS A 148 -2.74 2.02 4.66
CA CYS A 148 -2.55 2.48 6.02
C CYS A 148 -2.14 1.32 6.90
N ALA A 149 -0.84 1.22 7.20
CA ALA A 149 -0.26 0.14 8.01
C ALA A 149 0.04 0.71 9.39
N CYS A 150 -1.00 1.26 10.01
CA CYS A 150 -0.97 1.83 11.34
C CYS A 150 -1.75 1.01 12.35
N TYR A 151 -1.24 0.97 13.59
CA TYR A 151 -1.73 0.14 14.67
C TYR A 151 -1.36 -1.30 14.34
N ILE A 152 -2.05 -1.86 13.34
CA ILE A 152 -1.68 -3.16 12.82
C ILE A 152 -0.37 -3.05 12.03
N ASN A 153 0.19 -4.21 11.70
CA ASN A 153 1.32 -4.36 10.83
C ASN A 153 0.86 -5.17 9.62
N ILE A 154 1.28 -4.72 8.43
CA ILE A 154 1.02 -5.42 7.18
C ILE A 154 2.31 -6.04 6.69
N SER A 155 2.31 -7.36 6.42
CA SER A 155 3.58 -8.03 6.20
C SER A 155 4.32 -7.47 4.99
N THR A 156 5.65 -7.56 5.02
CA THR A 156 6.45 -7.16 3.88
C THR A 156 6.21 -8.08 2.66
N GLN A 157 5.92 -9.36 2.88
CA GLN A 157 5.58 -10.25 1.78
C GLN A 157 4.30 -9.81 1.08
N TRP A 158 3.31 -9.36 1.86
CA TRP A 158 2.08 -8.85 1.28
C TRP A 158 2.36 -7.61 0.46
N PHE A 159 3.21 -6.72 0.98
CA PHE A 159 3.57 -5.51 0.25
C PHE A 159 4.30 -5.84 -1.04
N GLU A 160 5.17 -6.87 -1.04
CA GLU A 160 5.90 -7.20 -2.25
C GLU A 160 4.93 -7.65 -3.35
N ARG A 161 3.95 -8.46 -2.96
CA ARG A 161 2.91 -8.93 -3.87
C ARG A 161 2.10 -7.76 -4.44
N LEU A 162 1.74 -6.79 -3.60
CA LEU A 162 1.01 -5.64 -4.05
C LEU A 162 1.82 -4.83 -5.07
N MET A 163 3.11 -4.68 -4.81
CA MET A 163 3.97 -3.91 -5.69
C MET A 163 4.09 -4.60 -7.04
N LYS A 164 4.24 -5.94 -7.04
CA LYS A 164 4.27 -6.64 -8.31
C LYS A 164 2.97 -6.45 -9.09
N ASP A 165 1.82 -6.59 -8.40
CA ASP A 165 0.54 -6.41 -9.05
C ASP A 165 0.35 -4.99 -9.56
N MET A 166 0.74 -4.01 -8.75
CA MET A 166 0.69 -2.63 -9.18
C MET A 166 1.50 -2.44 -10.46
N ALA A 167 2.77 -2.92 -10.43
CA ALA A 167 3.65 -2.72 -11.57
C ALA A 167 3.04 -3.37 -12.82
N SER A 168 2.40 -4.53 -12.67
CA SER A 168 1.80 -5.24 -13.81
C SER A 168 0.63 -4.48 -14.44
N GLN A 169 0.03 -3.54 -13.69
CA GLN A 169 -1.08 -2.72 -14.13
C GLN A 169 -0.64 -1.26 -14.33
N LYS A 170 0.69 -1.01 -14.34
CA LYS A 170 1.27 0.28 -14.61
C LYS A 170 0.92 1.32 -13.54
N LEU A 171 0.54 0.88 -12.34
CA LEU A 171 0.43 1.82 -11.23
C LEU A 171 1.83 2.11 -10.70
N ASN A 172 2.06 3.36 -10.27
CA ASN A 172 3.41 3.86 -10.06
C ASN A 172 3.63 4.54 -8.71
N GLN A 173 2.63 4.54 -7.82
CA GLN A 173 2.73 5.27 -6.56
C GLN A 173 2.10 4.47 -5.44
N LEU A 174 2.88 4.22 -4.39
CA LEU A 174 2.39 3.51 -3.21
C LEU A 174 2.53 4.38 -1.96
N TRP A 175 1.40 4.85 -1.43
CA TRP A 175 1.36 5.58 -0.17
C TRP A 175 1.32 4.58 0.97
N ILE A 176 2.17 4.78 1.98
CA ILE A 176 2.21 3.93 3.16
C ILE A 176 2.22 4.82 4.39
N GLU A 177 1.16 4.75 5.20
CA GLU A 177 1.23 5.32 6.53
C GLU A 177 1.69 4.24 7.48
N ALA A 178 2.80 4.48 8.13
CA ALA A 178 3.38 3.48 9.03
C ALA A 178 4.32 4.15 10.01
N LYS A 179 4.47 3.47 11.15
CA LYS A 179 5.46 3.83 12.16
C LYS A 179 6.76 3.07 11.93
N VAL A 180 7.85 3.86 11.84
CA VAL A 180 9.21 3.32 11.84
C VAL A 180 9.67 3.21 13.29
N LYS A 181 10.22 2.06 13.64
CA LYS A 181 10.72 1.85 15.00
C LYS A 181 11.80 2.90 15.26
N SER A 182 11.57 3.78 16.25
CA SER A 182 12.31 5.01 16.37
C SER A 182 13.48 4.88 17.35
N ASP A 183 14.64 5.38 16.89
CA ASP A 183 15.82 5.58 17.72
C ASP A 183 15.76 6.98 18.31
N THR A 184 15.28 7.95 17.54
CA THR A 184 15.05 9.33 17.94
C THR A 184 14.11 9.42 19.16
N ASP A 185 13.04 8.65 19.13
CA ASP A 185 12.04 8.65 20.20
C ASP A 185 11.62 7.22 20.52
N PRO A 186 12.41 6.48 21.32
CA PRO A 186 12.06 5.11 21.67
C PRO A 186 10.74 4.93 22.42
N ALA A 187 10.23 6.01 23.04
CA ALA A 187 8.97 5.94 23.77
C ALA A 187 7.79 5.79 22.81
N SER A 188 8.02 5.98 21.49
CA SER A 188 7.00 5.77 20.50
C SER A 188 7.08 4.37 19.89
N ALA A 189 8.11 3.58 20.21
CA ALA A 189 8.34 2.31 19.57
C ALA A 189 7.54 1.22 20.27
N PHE A 190 6.27 1.12 19.92
CA PHE A 190 5.40 0.04 20.36
C PHE A 190 4.60 -0.43 19.14
N TRP A 191 4.29 -1.72 19.16
CA TRP A 191 3.70 -2.43 18.03
C TRP A 191 2.33 -1.83 17.68
N GLY A 192 1.97 -1.74 16.38
CA GLY A 192 2.77 -2.16 15.25
C GLY A 192 3.77 -1.09 14.82
N TYR A 193 4.89 -1.57 14.31
CA TYR A 193 5.91 -0.74 13.65
C TYR A 193 6.67 -1.58 12.64
N TYR A 194 7.47 -0.88 11.81
CA TYR A 194 8.44 -1.52 10.93
C TYR A 194 9.85 -1.18 11.43
N THR A 195 10.73 -2.16 11.42
CA THR A 195 12.15 -1.88 11.70
C THR A 195 12.77 -1.11 10.53
N LYS A 196 13.92 -0.46 10.77
CA LYS A 196 14.58 0.22 9.67
C LYS A 196 14.99 -0.78 8.59
N PRO A 197 15.55 -1.95 8.90
CA PRO A 197 15.81 -2.95 7.84
C PRO A 197 14.57 -3.31 7.00
N GLN A 198 13.42 -3.50 7.65
CA GLN A 198 12.19 -3.75 6.92
C GLN A 198 11.85 -2.61 5.98
N VAL A 199 11.92 -1.36 6.45
CA VAL A 199 11.70 -0.24 5.55
C VAL A 199 12.66 -0.29 4.35
N ARG A 200 13.95 -0.55 4.58
CA ARG A 200 14.88 -0.59 3.45
C ARG A 200 14.53 -1.73 2.47
N THR A 201 13.96 -2.82 2.96
CA THR A 201 13.48 -3.92 2.10
C THR A 201 12.36 -3.40 1.21
N LEU A 202 11.42 -2.65 1.80
CA LEU A 202 10.32 -2.11 1.00
C LEU A 202 10.86 -1.13 -0.05
N VAL A 203 11.84 -0.31 0.33
CA VAL A 203 12.45 0.66 -0.56
C VAL A 203 13.07 -0.05 -1.77
N ALA A 204 13.80 -1.11 -1.48
CA ALA A 204 14.44 -1.89 -2.53
C ALA A 204 13.39 -2.49 -3.47
N MET A 205 12.30 -3.03 -2.92
CA MET A 205 11.21 -3.60 -3.71
C MET A 205 10.61 -2.55 -4.62
N ALA A 206 10.33 -1.36 -4.10
CA ALA A 206 9.68 -0.34 -4.90
C ALA A 206 10.58 0.11 -6.04
N ARG A 207 11.86 0.23 -5.77
CA ARG A 207 12.80 0.60 -6.83
C ARG A 207 12.80 -0.45 -7.95
N LYS A 208 12.82 -1.71 -7.57
CA LYS A 208 12.81 -2.81 -8.52
C LYS A 208 11.56 -2.82 -9.40
N TYR A 209 10.39 -2.46 -8.84
CA TYR A 209 9.13 -2.51 -9.57
C TYR A 209 8.63 -1.13 -10.04
N HIS A 210 9.52 -0.12 -10.11
CA HIS A 210 9.29 1.16 -10.77
C HIS A 210 8.16 1.90 -10.05
N ILE A 211 8.13 1.80 -8.73
CA ILE A 211 7.10 2.41 -7.92
C ILE A 211 7.74 3.46 -7.00
N GLU A 212 7.08 4.60 -6.87
CA GLU A 212 7.47 5.68 -5.97
C GLU A 212 6.73 5.51 -4.64
N LEU A 213 7.47 5.48 -3.52
CA LEU A 213 6.85 5.35 -2.21
C LEU A 213 6.57 6.75 -1.68
N VAL A 214 5.40 6.84 -1.05
CA VAL A 214 4.97 8.08 -0.39
C VAL A 214 4.64 7.75 1.06
N PRO A 215 5.60 7.89 1.96
CA PRO A 215 5.38 7.58 3.37
C PRO A 215 4.66 8.69 4.09
N GLU A 216 3.98 8.30 5.19
CA GLU A 216 3.27 9.26 6.00
C GLU A 216 3.50 8.96 7.47
N ILE A 217 3.69 10.02 8.28
CA ILE A 217 3.37 10.03 9.69
C ILE A 217 2.37 11.15 9.83
N ASN A 218 1.17 10.82 10.31
CA ASN A 218 0.12 11.82 10.41
C ASN A 218 0.38 12.84 11.52
N SER A 219 0.11 14.10 11.21
CA SER A 219 0.25 15.22 12.14
C SER A 219 -0.64 16.32 11.59
N PRO A 220 -1.17 17.30 12.40
CA PRO A 220 -1.03 17.32 13.85
C PRO A 220 -2.17 16.59 14.56
N GLY A 221 -3.09 16.00 13.80
CA GLY A 221 -4.09 15.11 14.37
C GLY A 221 -3.66 13.66 14.20
N HIS A 222 -4.44 12.74 14.77
CA HIS A 222 -4.18 11.31 14.65
C HIS A 222 -2.77 10.92 15.06
N MET A 223 -2.23 11.56 16.12
CA MET A 223 -0.88 11.30 16.59
C MET A 223 -0.89 10.45 17.85
N ASP A 224 -1.97 9.76 18.15
CA ASP A 224 -2.02 8.97 19.38
C ASP A 224 -0.97 7.87 19.40
N THR A 225 -0.55 7.36 18.25
CA THR A 225 0.50 6.35 18.20
C THR A 225 1.87 6.90 18.54
N TYR A 226 2.01 8.22 18.70
CA TYR A 226 3.29 8.82 19.08
C TYR A 226 3.16 9.57 20.41
N LEU A 227 1.98 10.14 20.73
CA LEU A 227 1.91 11.09 21.84
C LEU A 227 1.44 10.43 23.14
N GLU A 228 1.20 9.12 23.08
CA GLU A 228 0.73 8.37 24.23
C GLU A 228 1.65 8.63 25.43
N ASN A 229 2.95 8.61 25.17
CA ASN A 229 3.92 8.77 26.25
C ASN A 229 4.49 10.18 26.28
N HIS A 230 3.86 11.17 25.61
CA HIS A 230 4.30 12.56 25.61
C HIS A 230 3.11 13.47 25.91
N PRO A 231 2.52 13.40 27.11
CA PRO A 231 1.35 14.23 27.42
C PRO A 231 1.61 15.74 27.34
N GLU A 232 2.88 16.15 27.50
CA GLU A 232 3.23 17.56 27.47
C GLU A 232 3.03 18.15 26.06
N LEU A 233 2.97 17.30 25.03
CA LEU A 233 2.78 17.79 23.67
C LEU A 233 1.31 17.82 23.25
N GLN A 234 0.36 17.35 24.10
CA GLN A 234 -1.03 17.22 23.67
C GLN A 234 -1.79 18.53 23.80
N LEU A 235 -2.67 18.77 22.81
CA LEU A 235 -3.49 19.96 22.78
C LEU A 235 -4.52 19.95 23.92
N LYS A 236 -4.68 21.09 24.61
CA LYS A 236 -5.70 21.21 25.65
C LYS A 236 -6.77 22.20 25.21
N ASP A 237 -8.00 21.94 25.62
CA ASP A 237 -9.13 22.84 25.41
C ASP A 237 -9.23 23.88 26.54
N ARG A 238 -10.20 24.79 26.40
CA ARG A 238 -10.41 25.85 27.37
C ARG A 238 -10.65 25.28 28.77
N ASP A 239 -11.33 24.12 28.83
CA ASP A 239 -11.66 23.44 30.08
C ASP A 239 -10.38 22.83 30.68
N GLY A 240 -9.29 22.83 29.90
CA GLY A 240 -8.00 22.30 30.30
C GLY A 240 -7.79 20.83 29.89
N VAL A 241 -8.69 20.27 29.08
CA VAL A 241 -8.75 18.83 28.82
C VAL A 241 -7.90 18.47 27.59
N ALA A 242 -7.04 17.46 27.74
CA ALA A 242 -6.13 17.10 26.66
C ALA A 242 -6.87 16.28 25.62
N SER A 243 -6.42 16.43 24.35
CA SER A 243 -6.91 15.62 23.27
C SER A 243 -5.75 14.71 22.89
N PRO A 244 -5.74 13.44 23.33
CA PRO A 244 -4.56 12.59 23.15
C PRO A 244 -4.03 12.51 21.72
N PRO A 245 -4.85 12.50 20.66
CA PRO A 245 -4.29 12.42 19.32
C PRO A 245 -3.81 13.73 18.70
N ARG A 246 -3.99 14.85 19.41
CA ARG A 246 -3.70 16.14 18.79
C ARG A 246 -2.46 16.78 19.42
N LEU A 247 -1.54 17.16 18.55
CA LEU A 247 -0.36 17.91 18.90
C LEU A 247 -0.77 19.37 19.16
N ASP A 248 -0.18 19.97 20.18
CA ASP A 248 -0.40 21.39 20.45
C ASP A 248 0.52 22.22 19.56
N ILE A 249 0.01 22.68 18.42
CA ILE A 249 0.85 23.35 17.43
C ILE A 249 1.24 24.77 17.86
N SER A 250 0.66 25.29 18.95
CA SER A 250 1.12 26.57 19.50
C SER A 250 2.45 26.41 20.25
N ARG A 251 2.91 25.21 20.58
CA ARG A 251 4.18 25.02 21.28
C ARG A 251 5.30 24.89 20.24
N PRO A 252 6.39 25.68 20.29
CA PRO A 252 7.53 25.40 19.41
C PRO A 252 8.09 23.99 19.55
N GLU A 253 8.05 23.40 20.75
CA GLU A 253 8.57 22.04 20.90
C GLU A 253 7.77 21.07 20.02
N ALA A 254 6.53 21.42 19.63
CA ALA A 254 5.67 20.57 18.82
C ALA A 254 6.23 20.40 17.41
N LEU A 255 6.55 21.50 16.74
CA LEU A 255 7.12 21.44 15.41
C LEU A 255 8.45 20.69 15.42
N ALA A 256 9.30 20.96 16.45
CA ALA A 256 10.59 20.32 16.58
C ALA A 256 10.43 18.81 16.76
N TYR A 257 9.43 18.40 17.54
CA TYR A 257 9.19 16.98 17.75
C TYR A 257 8.78 16.36 16.41
N TYR A 258 7.80 16.97 15.72
CA TYR A 258 7.30 16.32 14.54
C TYR A 258 8.37 16.29 13.44
N THR A 259 9.11 17.39 13.22
CA THR A 259 10.09 17.40 12.16
C THR A 259 11.24 16.43 12.43
N SER A 260 11.55 16.18 13.71
CA SER A 260 12.51 15.16 14.08
C SER A 260 12.05 13.79 13.60
N MET A 261 10.77 13.45 13.84
CA MET A 261 10.31 12.13 13.48
C MET A 261 10.24 11.98 11.95
N VAL A 262 9.84 13.07 11.29
CA VAL A 262 9.82 13.13 9.83
C VAL A 262 11.23 12.88 9.27
N ASP A 263 12.21 13.63 9.80
CA ASP A 263 13.60 13.50 9.36
C ASP A 263 14.04 12.03 9.49
N GLU A 264 13.76 11.38 10.64
CA GLU A 264 14.21 10.03 10.88
C GLU A 264 13.58 9.08 9.87
N ALA A 265 12.28 9.29 9.57
CA ALA A 265 11.60 8.43 8.62
C ALA A 265 12.07 8.69 7.19
N LEU A 266 12.30 9.93 6.81
CA LEU A 266 12.73 10.26 5.45
C LEU A 266 14.12 9.68 5.18
N LYS A 267 14.96 9.59 6.20
CA LYS A 267 16.27 9.05 5.98
C LYS A 267 16.15 7.61 5.48
N VAL A 268 15.24 6.81 6.08
CA VAL A 268 15.18 5.40 5.74
C VAL A 268 14.31 5.19 4.49
N TRP A 269 13.17 5.88 4.38
CA TRP A 269 12.30 5.74 3.22
C TRP A 269 12.98 6.30 1.96
N ASP A 270 13.77 7.35 2.13
CA ASP A 270 14.54 8.00 1.08
C ASP A 270 13.66 8.36 -0.12
N SER A 271 12.47 8.88 0.17
CA SER A 271 11.51 9.22 -0.87
C SER A 271 11.64 10.68 -1.26
N ARG A 272 11.18 11.00 -2.47
CA ARG A 272 11.07 12.38 -2.88
C ARG A 272 9.94 13.09 -2.15
N TYR A 273 8.84 12.36 -1.87
CA TYR A 273 7.70 12.97 -1.21
C TYR A 273 7.60 12.56 0.27
N TRP A 274 7.04 13.51 1.03
CA TRP A 274 6.57 13.26 2.38
C TRP A 274 5.10 13.63 2.44
N HIS A 275 4.29 12.76 3.04
CA HIS A 275 2.88 13.03 3.31
C HIS A 275 2.74 13.23 4.81
N MET A 276 2.23 14.40 5.23
CA MET A 276 2.12 14.62 6.66
C MET A 276 0.68 14.40 7.16
N GLY A 277 -0.25 14.05 6.26
CA GLY A 277 -1.63 13.75 6.63
C GLY A 277 -2.42 15.05 6.77
N ALA A 278 -2.49 15.55 8.00
CA ALA A 278 -3.17 16.80 8.34
C ALA A 278 -4.70 16.68 8.18
N ASP A 279 -5.26 15.48 8.31
CA ASP A 279 -6.71 15.26 8.34
C ASP A 279 -7.23 15.35 9.76
N GLU A 280 -8.47 15.84 9.91
CA GLU A 280 -9.25 15.70 11.14
C GLU A 280 -8.57 16.37 12.34
N TYR A 281 -8.11 17.62 12.17
CA TYR A 281 -7.48 18.33 13.29
C TYR A 281 -8.49 19.26 14.01
N MET A 282 -9.04 20.25 13.32
CA MET A 282 -10.01 21.13 13.95
C MET A 282 -11.02 21.71 12.96
N ILE A 283 -12.23 22.05 13.47
CA ILE A 283 -13.26 22.74 12.70
C ILE A 283 -13.65 24.01 13.47
N GLY A 284 -14.28 24.94 12.74
CA GLY A 284 -14.54 26.29 13.26
C GLY A 284 -15.55 26.32 14.41
N SER A 285 -16.45 25.34 14.46
CA SER A 285 -17.43 25.25 15.54
C SER A 285 -16.74 24.96 16.88
N SER A 286 -15.48 24.52 16.88
CA SER A 286 -14.72 24.23 18.09
C SER A 286 -13.93 25.45 18.61
N TYR A 287 -13.88 26.54 17.83
CA TYR A 287 -13.00 27.65 18.17
C TYR A 287 -13.27 28.27 19.53
N PRO A 288 -14.51 28.42 20.04
CA PRO A 288 -14.70 28.93 21.41
C PRO A 288 -13.97 28.10 22.48
N ASP A 289 -13.65 26.84 22.16
CA ASP A 289 -13.06 25.95 23.15
C ASP A 289 -11.52 25.88 23.05
N TYR A 290 -10.88 26.63 22.12
CA TYR A 290 -9.42 26.64 22.00
C TYR A 290 -8.87 28.06 21.93
N PRO A 291 -9.11 28.89 22.96
CA PRO A 291 -8.69 30.30 22.92
C PRO A 291 -7.18 30.52 22.90
N GLN A 292 -6.41 29.50 23.30
CA GLN A 292 -4.97 29.58 23.23
C GLN A 292 -4.49 29.38 21.81
N LEU A 293 -5.13 28.51 21.01
CA LEU A 293 -4.74 28.50 19.61
C LEU A 293 -5.13 29.83 18.98
N GLN A 294 -6.32 30.35 19.37
CA GLN A 294 -6.77 31.65 18.89
C GLN A 294 -5.71 32.73 19.19
N ALA A 295 -5.28 32.81 20.45
CA ALA A 295 -4.29 33.80 20.88
C ALA A 295 -2.99 33.70 20.10
N ALA A 296 -2.47 32.49 19.97
CA ALA A 296 -1.22 32.25 19.27
C ALA A 296 -1.33 32.68 17.81
N ALA A 297 -2.48 32.37 17.17
CA ALA A 297 -2.71 32.78 15.80
C ALA A 297 -2.77 34.30 15.66
N ARG A 298 -3.50 34.99 16.55
CA ARG A 298 -3.68 36.43 16.43
C ARG A 298 -2.37 37.17 16.70
N ALA A 299 -1.57 36.63 17.62
CA ALA A 299 -0.26 37.20 17.91
C ALA A 299 0.61 37.23 16.66
N LYS A 300 0.53 36.16 15.85
CA LYS A 300 1.42 35.99 14.75
C LYS A 300 0.90 36.67 13.48
N PHE A 301 -0.44 36.63 13.27
CA PHE A 301 -1.03 36.98 11.98
C PHE A 301 -2.22 37.93 12.13
N GLY A 302 -2.38 38.59 13.28
CA GLY A 302 -3.34 39.69 13.41
C GLY A 302 -4.77 39.30 13.81
N ALA A 303 -5.66 40.31 13.79
CA ALA A 303 -6.96 40.22 14.43
C ALA A 303 -7.91 39.23 13.75
N SER A 304 -7.68 38.91 12.46
CA SER A 304 -8.57 38.00 11.75
C SER A 304 -8.05 36.56 11.71
N ALA A 305 -6.88 36.29 12.30
CA ALA A 305 -6.27 34.98 12.20
C ALA A 305 -7.01 33.99 13.06
N THR A 306 -7.04 32.73 12.62
CA THR A 306 -7.79 31.68 13.27
C THR A 306 -6.88 30.52 13.62
N PRO A 307 -7.37 29.57 14.42
CA PRO A 307 -6.64 28.30 14.58
C PRO A 307 -6.31 27.60 13.26
N ASP A 308 -7.13 27.76 12.22
CA ASP A 308 -6.79 27.15 10.94
C ASP A 308 -5.60 27.86 10.28
N ASP A 309 -5.42 29.16 10.55
CA ASP A 309 -4.20 29.84 10.08
C ASP A 309 -2.95 29.32 10.76
N LEU A 310 -3.05 28.99 12.05
CA LEU A 310 -1.93 28.43 12.78
C LEU A 310 -1.63 27.01 12.25
N PHE A 311 -2.68 26.29 11.95
CA PHE A 311 -2.59 24.97 11.33
C PHE A 311 -1.88 25.05 9.98
N THR A 312 -2.31 26.00 9.13
CA THR A 312 -1.77 26.09 7.79
C THR A 312 -0.32 26.51 7.87
N ASP A 313 -0.01 27.42 8.81
CA ASP A 313 1.35 27.86 9.01
C ASP A 313 2.23 26.67 9.43
N PHE A 314 1.74 25.84 10.37
CA PHE A 314 2.48 24.69 10.82
C PHE A 314 2.82 23.80 9.64
N ILE A 315 1.83 23.55 8.77
CA ILE A 315 2.09 22.75 7.56
C ILE A 315 3.15 23.43 6.67
N ASN A 316 3.04 24.76 6.47
CA ASN A 316 4.01 25.47 5.64
C ASN A 316 5.42 25.37 6.23
N GLN A 317 5.53 25.34 7.55
CA GLN A 317 6.84 25.18 8.20
C GLN A 317 7.41 23.79 7.89
N VAL A 318 6.58 22.73 7.96
CA VAL A 318 7.03 21.39 7.60
C VAL A 318 7.47 21.40 6.13
N ASN A 319 6.71 22.06 5.27
CA ASN A 319 7.06 22.19 3.87
C ASN A 319 8.47 22.75 3.70
N ALA A 320 8.73 23.88 4.35
CA ALA A 320 10.07 24.48 4.24
C ALA A 320 11.12 23.52 4.76
N HIS A 321 10.80 22.76 5.83
CA HIS A 321 11.76 21.85 6.40
C HIS A 321 12.16 20.77 5.41
N VAL A 322 11.16 20.08 4.80
CA VAL A 322 11.45 18.93 3.94
C VAL A 322 12.01 19.42 2.60
N LYS A 323 11.60 20.59 2.13
CA LYS A 323 12.15 21.17 0.90
C LYS A 323 13.65 21.45 1.06
N ALA A 324 14.08 21.71 2.28
CA ALA A 324 15.51 21.92 2.53
C ALA A 324 16.34 20.69 2.20
N ASP A 325 15.75 19.48 2.25
CA ASP A 325 16.45 18.26 1.90
C ASP A 325 15.96 17.73 0.54
N GLY A 326 15.47 18.63 -0.32
CA GLY A 326 15.04 18.30 -1.68
C GLY A 326 13.78 17.42 -1.76
N ARG A 327 12.92 17.47 -0.73
CA ARG A 327 11.70 16.66 -0.73
C ARG A 327 10.52 17.59 -0.99
N SER A 328 9.36 16.98 -1.28
CA SER A 328 8.11 17.69 -1.52
C SER A 328 7.02 17.15 -0.59
N LEU A 329 6.13 18.07 -0.14
CA LEU A 329 5.11 17.74 0.84
C LEU A 329 3.75 17.49 0.21
N ARG A 330 2.98 16.62 0.88
CA ARG A 330 1.59 16.35 0.52
C ARG A 330 0.74 16.31 1.79
N ILE A 331 -0.56 16.64 1.67
CA ILE A 331 -1.55 16.58 2.75
C ILE A 331 -2.89 16.11 2.21
N TRP A 332 -3.73 15.62 3.12
CA TRP A 332 -5.17 15.46 2.86
C TRP A 332 -5.88 16.81 2.79
N ASN A 333 -7.11 16.84 2.26
CA ASN A 333 -7.73 18.12 1.93
C ASN A 333 -8.64 18.67 3.04
N ASP A 334 -9.11 17.83 3.98
CA ASP A 334 -10.31 18.15 4.75
C ASP A 334 -10.06 19.30 5.72
N GLY A 335 -8.80 19.62 6.06
CA GLY A 335 -8.52 20.76 6.91
C GLY A 335 -8.52 22.08 6.16
N LEU A 336 -8.76 22.05 4.85
CA LEU A 336 -8.83 23.25 4.04
C LEU A 336 -10.30 23.59 3.86
N ALA A 337 -10.78 24.50 4.72
CA ALA A 337 -12.21 24.73 4.82
C ALA A 337 -12.50 26.23 4.79
N GLY A 338 -11.61 26.97 4.13
CA GLY A 338 -11.81 28.39 3.90
C GLY A 338 -11.69 29.24 5.17
N LYS A 339 -11.16 28.69 6.28
CA LYS A 339 -11.10 29.44 7.54
C LYS A 339 -9.70 29.98 7.82
N ASN A 340 -8.73 29.67 6.94
CA ASN A 340 -7.39 30.22 7.03
C ASN A 340 -7.46 31.58 6.34
N ALA A 341 -7.77 32.60 7.14
CA ALA A 341 -8.11 33.94 6.68
C ALA A 341 -6.89 34.72 6.20
N VAL A 342 -5.71 34.37 6.74
CA VAL A 342 -4.49 35.13 6.60
C VAL A 342 -3.39 34.30 5.97
N VAL A 343 -3.36 32.98 6.24
CA VAL A 343 -2.22 32.16 5.87
C VAL A 343 -2.63 31.15 4.79
N PRO A 344 -2.28 31.37 3.52
CA PRO A 344 -2.61 30.40 2.49
C PRO A 344 -1.66 29.23 2.60
N LEU A 345 -2.14 28.02 2.21
CA LEU A 345 -1.29 26.86 2.07
C LEU A 345 -0.28 27.07 0.94
N ASP A 346 1.01 26.81 1.21
CA ASP A 346 2.02 26.91 0.17
C ASP A 346 1.56 26.12 -1.06
N ARG A 347 1.81 26.69 -2.24
CA ARG A 347 1.25 26.23 -3.47
C ARG A 347 1.89 24.96 -4.01
N ASP A 348 3.08 24.61 -3.52
CA ASP A 348 3.75 23.41 -4.00
C ASP A 348 3.52 22.24 -3.05
N ILE A 349 2.47 22.35 -2.22
CA ILE A 349 2.00 21.21 -1.42
C ILE A 349 0.90 20.51 -2.19
N THR A 350 1.11 19.24 -2.49
CA THR A 350 0.09 18.44 -3.12
C THR A 350 -1.05 18.20 -2.14
N VAL A 351 -2.29 18.42 -2.61
CA VAL A 351 -3.48 18.14 -1.81
C VAL A 351 -4.21 16.93 -2.37
N GLU A 352 -4.42 15.92 -1.50
CA GLU A 352 -5.11 14.69 -1.84
C GLU A 352 -6.54 14.80 -1.30
N HIS A 353 -7.50 14.91 -2.22
CA HIS A 353 -8.89 15.20 -1.88
C HIS A 353 -9.68 13.89 -1.69
N TRP A 354 -10.21 13.71 -0.47
CA TRP A 354 -10.92 12.48 -0.12
C TRP A 354 -12.37 12.77 0.33
N LEU A 355 -12.63 13.97 0.83
CA LEU A 355 -13.87 14.27 1.57
C LEU A 355 -14.39 15.64 1.14
N SER A 356 -15.71 15.72 0.93
CA SER A 356 -16.37 16.99 0.70
C SER A 356 -17.41 17.22 1.80
N GLY A 357 -17.89 18.45 1.87
CA GLY A 357 -18.96 18.80 2.78
C GLY A 357 -18.66 20.07 3.57
N GLY A 358 -19.71 20.67 4.08
CA GLY A 358 -19.59 21.91 4.84
C GLY A 358 -18.94 23.01 4.03
N SER A 359 -17.89 23.61 4.59
CA SER A 359 -17.17 24.66 3.88
C SER A 359 -15.83 24.13 3.35
N ILE A 360 -15.70 22.79 3.25
CA ILE A 360 -14.46 22.24 2.75
C ILE A 360 -14.26 22.80 1.36
N GLN A 361 -13.03 23.23 1.06
CA GLN A 361 -12.71 23.83 -0.21
C GLN A 361 -12.90 22.83 -1.35
N GLN A 362 -13.52 23.29 -2.43
CA GLN A 362 -13.84 22.40 -3.53
C GLN A 362 -12.63 22.09 -4.40
N PRO A 363 -12.64 20.92 -5.07
CA PRO A 363 -11.59 20.55 -6.00
C PRO A 363 -11.33 21.68 -7.01
N SER A 364 -12.39 22.25 -7.56
CA SER A 364 -12.23 23.28 -8.57
C SER A 364 -11.39 24.44 -8.02
N SER A 365 -11.65 24.79 -6.77
CA SER A 365 -10.99 25.90 -6.09
C SER A 365 -9.52 25.56 -5.84
N LEU A 366 -9.25 24.31 -5.42
CA LEU A 366 -7.86 23.87 -5.19
C LEU A 366 -7.10 23.90 -6.50
N LEU A 367 -7.72 23.39 -7.56
CA LEU A 367 -7.04 23.33 -8.85
C LEU A 367 -6.82 24.75 -9.38
N ALA A 368 -7.79 25.64 -9.13
CA ALA A 368 -7.64 27.00 -9.65
C ALA A 368 -6.47 27.69 -8.97
N GLU A 369 -6.09 27.28 -7.73
CA GLU A 369 -4.95 27.80 -6.98
C GLU A 369 -3.59 27.39 -7.52
N GLY A 370 -3.54 26.49 -8.50
CA GLY A 370 -2.30 26.14 -9.17
C GLY A 370 -1.47 25.12 -8.43
N ARG A 371 -2.06 24.42 -7.46
CA ARG A 371 -1.33 23.42 -6.74
C ARG A 371 -1.63 22.06 -7.36
N PRO A 372 -0.77 21.06 -7.07
CA PRO A 372 -1.08 19.69 -7.45
C PRO A 372 -2.25 19.18 -6.60
N VAL A 373 -3.25 18.62 -7.26
CA VAL A 373 -4.40 18.00 -6.62
C VAL A 373 -4.56 16.55 -7.13
N MET A 374 -4.66 15.62 -6.18
CA MET A 374 -4.85 14.21 -6.47
C MET A 374 -6.29 13.86 -6.03
N ASN A 375 -6.99 13.03 -6.80
CA ASN A 375 -8.28 12.50 -6.40
C ASN A 375 -8.07 11.21 -5.59
N SER A 376 -8.29 11.30 -4.28
CA SER A 376 -8.24 10.16 -3.38
C SER A 376 -9.59 9.92 -2.72
N ALA A 377 -10.66 10.02 -3.52
CA ALA A 377 -12.04 9.94 -3.04
C ALA A 377 -12.27 8.81 -2.05
N TYR A 378 -13.07 9.10 -1.03
CA TYR A 378 -13.59 8.06 -0.12
C TYR A 378 -14.22 6.92 -0.92
N SER A 379 -14.86 7.21 -2.05
CA SER A 379 -15.45 6.15 -2.89
C SER A 379 -14.44 5.10 -3.33
N LEU A 380 -13.14 5.42 -3.29
CA LEU A 380 -12.06 4.54 -3.71
C LEU A 380 -11.41 3.86 -2.50
N TYR A 381 -12.10 3.86 -1.35
CA TYR A 381 -11.60 3.27 -0.12
C TYR A 381 -12.06 1.82 0.07
N LEU A 382 -11.19 1.05 0.72
CA LEU A 382 -11.48 -0.26 1.30
C LEU A 382 -11.15 -0.18 2.78
N VAL A 383 -12.15 -0.44 3.62
CA VAL A 383 -12.02 -0.28 5.05
C VAL A 383 -12.33 -1.60 5.73
N ARG A 384 -11.35 -2.15 6.50
CA ARG A 384 -11.64 -3.36 7.27
C ARG A 384 -12.87 -3.15 8.15
N GLY A 385 -13.83 -4.05 8.00
CA GLY A 385 -15.08 -4.02 8.75
C GLY A 385 -16.06 -2.95 8.31
N GLY A 386 -15.73 -2.17 7.25
CA GLY A 386 -16.53 -1.01 6.86
C GLY A 386 -16.78 -0.96 5.36
N PHE A 387 -16.81 0.27 4.83
CA PHE A 387 -17.10 0.52 3.42
C PHE A 387 -16.13 -0.22 2.51
N THR A 388 -16.64 -0.76 1.39
CA THR A 388 -15.81 -1.34 0.34
C THR A 388 -16.16 -0.63 -0.97
N MET A 389 -15.16 -0.05 -1.64
CA MET A 389 -15.27 0.48 -2.98
C MET A 389 -16.13 -0.44 -3.86
N GLN A 390 -17.11 0.15 -4.55
CA GLN A 390 -18.04 -0.57 -5.41
C GLN A 390 -17.62 -0.34 -6.85
N THR A 391 -16.69 -1.19 -7.28
CA THR A 391 -16.02 -1.04 -8.56
C THR A 391 -17.06 -1.13 -9.67
N GLN A 392 -18.03 -2.03 -9.55
CA GLN A 392 -19.03 -2.18 -10.59
C GLN A 392 -19.80 -0.87 -10.80
N LYS A 393 -20.25 -0.25 -9.71
CA LYS A 393 -21.02 0.98 -9.79
C LYS A 393 -20.17 2.11 -10.39
N LEU A 394 -18.89 2.19 -10.00
CA LEU A 394 -18.02 3.24 -10.50
C LEU A 394 -17.83 3.08 -11.99
N TYR A 395 -17.64 1.82 -12.42
CA TYR A 395 -17.46 1.53 -13.83
C TYR A 395 -18.73 1.91 -14.58
N GLU A 396 -19.90 1.53 -14.03
CA GLU A 396 -21.17 1.73 -14.73
C GLU A 396 -21.50 3.21 -14.82
N SER A 397 -21.02 4.03 -13.88
CA SER A 397 -21.31 5.45 -13.88
C SER A 397 -20.24 6.28 -14.58
N ASP A 398 -19.28 5.61 -15.24
CA ASP A 398 -18.18 6.25 -15.97
C ASP A 398 -17.34 7.15 -15.08
N TRP A 399 -17.00 6.64 -13.90
CA TRP A 399 -16.09 7.37 -13.01
C TRP A 399 -14.74 7.59 -13.67
N THR A 400 -14.20 8.82 -13.50
CA THR A 400 -12.86 9.17 -13.88
C THR A 400 -12.29 10.09 -12.80
N PRO A 401 -10.97 10.42 -12.85
CA PRO A 401 -10.40 11.36 -11.89
C PRO A 401 -11.05 12.74 -11.86
N LEU A 402 -11.89 13.11 -12.83
CA LEU A 402 -12.58 14.39 -12.77
C LEU A 402 -13.71 14.34 -11.75
N ARG A 403 -14.11 13.12 -11.32
CA ARG A 403 -15.22 12.94 -10.42
C ARG A 403 -14.68 12.85 -9.00
N PHE A 404 -14.67 14.01 -8.33
CA PHE A 404 -14.27 14.09 -6.94
C PHE A 404 -15.51 13.94 -6.06
N GLU A 405 -15.33 13.58 -4.79
CA GLU A 405 -16.47 13.66 -3.89
C GLU A 405 -17.05 15.08 -3.88
N GLY A 406 -18.36 15.22 -4.04
CA GLY A 406 -19.00 16.54 -4.00
C GLY A 406 -19.03 17.34 -5.31
N GLN A 407 -18.18 16.99 -6.29
CA GLN A 407 -17.97 17.84 -7.45
C GLN A 407 -17.36 17.04 -8.61
N THR A 408 -18.00 17.11 -9.78
CA THR A 408 -17.42 16.61 -11.02
C THR A 408 -16.97 17.76 -11.90
N LEU A 409 -15.67 17.80 -12.23
CA LEU A 409 -15.10 18.85 -13.06
C LEU A 409 -15.59 18.63 -14.49
N THR A 410 -15.72 19.73 -15.24
CA THR A 410 -16.24 19.62 -16.59
C THR A 410 -15.09 19.47 -17.58
N GLN A 411 -13.86 19.75 -17.16
CA GLN A 411 -12.72 19.50 -18.01
C GLN A 411 -11.49 19.17 -17.16
N GLY A 412 -10.47 18.64 -17.85
CA GLY A 412 -9.19 18.31 -17.22
C GLY A 412 -8.42 19.56 -16.83
N ALA A 413 -7.31 19.34 -16.11
CA ALA A 413 -6.40 20.39 -15.67
C ALA A 413 -5.00 19.82 -15.58
N ALA A 414 -3.99 20.63 -15.90
CA ALA A 414 -2.61 20.18 -15.92
C ALA A 414 -2.16 19.73 -14.53
N ASN A 415 -2.78 20.31 -13.48
CA ASN A 415 -2.33 20.10 -12.13
C ASN A 415 -3.23 19.07 -11.42
N LEU A 416 -4.09 18.37 -12.13
CA LEU A 416 -4.80 17.19 -11.58
C LEU A 416 -3.88 15.99 -11.78
N THR A 417 -3.30 15.48 -10.68
CA THR A 417 -2.18 14.57 -10.81
C THR A 417 -2.60 13.14 -11.14
N GLY A 418 -3.81 12.74 -10.78
CA GLY A 418 -4.23 11.36 -10.87
C GLY A 418 -5.17 10.99 -9.73
N ALA A 419 -5.08 9.73 -9.37
CA ALA A 419 -5.95 9.16 -8.37
C ALA A 419 -5.33 7.94 -7.71
N LYS A 420 -5.90 7.55 -6.56
CA LYS A 420 -5.50 6.33 -5.89
C LYS A 420 -6.67 5.73 -5.12
N ILE A 421 -6.63 4.41 -4.96
CA ILE A 421 -7.42 3.66 -3.96
C ILE A 421 -6.66 3.59 -2.66
N SER A 422 -7.41 3.49 -1.54
CA SER A 422 -6.80 3.57 -0.21
C SER A 422 -7.38 2.46 0.67
N LEU A 423 -6.49 1.73 1.36
CA LEU A 423 -6.84 0.59 2.20
C LEU A 423 -6.62 0.95 3.68
N TRP A 424 -7.69 0.85 4.50
CA TRP A 424 -7.68 1.31 5.88
C TRP A 424 -8.04 0.18 6.82
N PRO A 425 -7.41 0.14 8.01
CA PRO A 425 -7.67 -0.96 8.95
C PRO A 425 -8.69 -0.74 10.06
N ASP A 426 -9.67 0.15 9.88
CA ASP A 426 -10.45 0.72 10.98
C ASP A 426 -10.93 -0.34 11.99
N SER A 427 -11.61 -1.41 11.54
CA SER A 427 -11.94 -2.52 12.43
C SER A 427 -10.94 -3.64 12.14
N ALA A 428 -9.79 -3.57 12.81
CA ALA A 428 -8.62 -4.26 12.27
C ALA A 428 -8.73 -5.78 12.38
N ALA A 429 -9.51 -6.29 13.35
CA ALA A 429 -9.68 -7.73 13.48
C ALA A 429 -10.84 -8.27 12.67
N ALA A 430 -11.50 -7.43 11.86
CA ALA A 430 -12.68 -7.84 11.12
C ALA A 430 -12.34 -8.61 9.86
N GLU A 431 -11.10 -8.42 9.37
CA GLU A 431 -10.67 -8.93 8.08
C GLU A 431 -9.15 -9.10 8.08
N THR A 432 -8.69 -10.23 7.51
CA THR A 432 -7.25 -10.45 7.43
C THR A 432 -6.65 -9.71 6.24
N GLU A 433 -5.32 -9.54 6.25
CA GLU A 433 -4.68 -8.90 5.12
C GLU A 433 -4.90 -9.75 3.86
N ASN A 434 -4.92 -11.08 3.97
CA ASN A 434 -5.15 -11.93 2.82
C ASN A 434 -6.56 -11.77 2.25
N GLU A 435 -7.55 -11.54 3.10
CA GLU A 435 -8.90 -11.24 2.64
C GLU A 435 -8.92 -9.88 1.93
N VAL A 436 -8.21 -8.90 2.48
CA VAL A 436 -8.12 -7.58 1.83
C VAL A 436 -7.48 -7.70 0.45
N GLU A 437 -6.44 -8.54 0.32
CA GLU A 437 -5.77 -8.82 -0.95
C GLU A 437 -6.76 -9.33 -2.00
N THR A 438 -7.65 -10.25 -1.61
CA THR A 438 -8.71 -10.71 -2.49
C THR A 438 -9.63 -9.58 -2.93
N LYS A 439 -10.06 -8.79 -1.96
CA LYS A 439 -11.04 -7.73 -2.17
C LYS A 439 -10.47 -6.63 -3.07
N VAL A 440 -9.16 -6.39 -3.01
CA VAL A 440 -8.62 -5.27 -3.77
C VAL A 440 -8.36 -5.57 -5.25
N PHE A 441 -8.44 -6.85 -5.66
CA PHE A 441 -8.12 -7.25 -7.02
C PHE A 441 -8.76 -6.33 -8.08
N MET A 442 -10.09 -6.21 -8.03
CA MET A 442 -10.76 -5.42 -9.06
C MET A 442 -10.60 -3.90 -8.84
N PRO A 443 -10.68 -3.35 -7.60
CA PRO A 443 -10.33 -1.96 -7.35
C PRO A 443 -9.00 -1.55 -7.99
N LEU A 444 -7.99 -2.38 -7.83
CA LEU A 444 -6.66 -2.10 -8.37
C LEU A 444 -6.72 -1.95 -9.89
N ARG A 445 -7.36 -2.92 -10.60
CA ARG A 445 -7.48 -2.83 -12.05
C ARG A 445 -8.30 -1.61 -12.46
N PHE A 446 -9.32 -1.26 -11.68
CA PHE A 446 -10.18 -0.13 -12.03
C PHE A 446 -9.41 1.18 -11.92
N VAL A 447 -8.66 1.42 -10.82
CA VAL A 447 -7.96 2.70 -10.72
C VAL A 447 -6.79 2.74 -11.72
N ALA A 448 -6.21 1.59 -12.04
CA ALA A 448 -5.17 1.57 -13.06
C ALA A 448 -5.75 2.00 -14.41
N GLN A 449 -6.95 1.50 -14.72
CA GLN A 449 -7.62 1.83 -16.00
C GLN A 449 -8.03 3.30 -16.08
N ALA A 450 -8.65 3.79 -15.02
CA ALA A 450 -9.10 5.19 -14.95
C ALA A 450 -7.95 6.19 -15.04
N THR A 451 -6.77 5.85 -14.50
CA THR A 451 -5.67 6.81 -14.45
C THR A 451 -4.74 6.66 -15.65
N TRP A 452 -4.62 5.47 -16.23
CA TRP A 452 -3.89 5.36 -17.48
C TRP A 452 -4.66 6.07 -18.61
N GLY A 453 -5.97 5.88 -18.67
CA GLY A 453 -6.85 6.78 -19.40
C GLY A 453 -7.27 6.33 -20.80
N GLY A 454 -7.05 5.08 -21.16
CA GLY A 454 -7.52 4.59 -22.43
C GLY A 454 -9.03 4.38 -22.44
N PRO A 455 -9.61 4.09 -23.59
CA PRO A 455 -11.06 3.81 -23.61
C PRO A 455 -11.47 2.55 -22.86
N LYS A 456 -12.73 2.48 -22.40
CA LYS A 456 -13.26 1.26 -21.80
C LYS A 456 -13.21 0.08 -22.77
N PRO A 457 -12.83 -1.14 -22.32
CA PRO A 457 -12.89 -2.31 -23.20
C PRO A 457 -14.31 -2.77 -23.49
N SER A 458 -15.23 -2.45 -22.57
CA SER A 458 -16.61 -2.88 -22.72
C SER A 458 -17.53 -1.82 -22.13
N PRO A 459 -18.79 -1.79 -22.60
CA PRO A 459 -19.75 -0.79 -22.14
C PRO A 459 -20.03 -0.95 -20.64
N THR A 460 -20.19 -2.20 -20.26
CA THR A 460 -20.58 -2.60 -18.92
C THR A 460 -19.42 -3.33 -18.23
N TYR A 461 -19.56 -3.52 -16.93
CA TYR A 461 -18.49 -4.01 -16.05
C TYR A 461 -18.15 -5.49 -16.27
N ALA A 462 -19.15 -6.27 -16.68
CA ALA A 462 -18.96 -7.72 -16.74
C ALA A 462 -17.78 -8.10 -17.63
N GLY A 463 -17.64 -7.40 -18.75
CA GLY A 463 -16.55 -7.66 -19.68
C GLY A 463 -15.20 -7.27 -19.09
N PHE A 464 -15.18 -6.14 -18.37
CA PHE A 464 -13.96 -5.66 -17.74
C PHE A 464 -13.48 -6.69 -16.71
N GLU A 465 -14.41 -7.14 -15.88
CA GLU A 465 -14.07 -8.03 -14.79
C GLU A 465 -13.56 -9.35 -15.35
N ALA A 466 -14.22 -9.86 -16.41
CA ALA A 466 -13.80 -11.12 -16.99
C ALA A 466 -12.37 -11.01 -17.51
N LEU A 467 -12.07 -9.89 -18.19
CA LEU A 467 -10.76 -9.67 -18.74
C LEU A 467 -9.72 -9.65 -17.60
N ALA A 468 -10.01 -8.87 -16.55
CA ALA A 468 -9.13 -8.76 -15.40
C ALA A 468 -8.84 -10.13 -14.79
N ARG A 469 -9.87 -10.96 -14.60
CA ARG A 469 -9.68 -12.25 -13.95
C ARG A 469 -8.95 -13.23 -14.88
N LYS A 470 -9.16 -13.09 -16.18
CA LYS A 470 -8.42 -13.93 -17.12
C LYS A 470 -6.92 -13.67 -17.05
N ILE A 471 -6.54 -12.37 -17.10
CA ILE A 471 -5.15 -11.98 -17.00
C ILE A 471 -4.56 -12.43 -15.64
N GLY A 472 -5.34 -12.21 -14.57
CA GLY A 472 -4.93 -12.60 -13.24
C GLY A 472 -3.80 -11.72 -12.70
N HIS A 473 -3.15 -12.21 -11.64
CA HIS A 473 -2.07 -11.49 -10.98
C HIS A 473 -0.85 -11.37 -11.86
N ALA A 474 0.00 -10.40 -11.48
CA ALA A 474 1.33 -10.24 -12.06
C ALA A 474 2.05 -11.57 -12.18
N PRO A 475 2.93 -11.70 -13.20
CA PRO A 475 3.84 -12.82 -13.25
C PRO A 475 4.80 -12.63 -12.08
N GLY A 476 4.97 -13.71 -11.33
CA GLY A 476 5.88 -13.70 -10.21
C GLY A 476 5.23 -13.20 -8.91
N TRP A 477 3.90 -13.01 -8.92
CA TRP A 477 3.16 -12.47 -7.78
C TRP A 477 3.45 -13.27 -6.53
N GLU A 478 3.14 -14.59 -6.55
CA GLU A 478 3.22 -15.35 -5.33
C GLU A 478 4.65 -15.43 -4.84
N ASN A 479 4.87 -15.19 -3.57
CA ASN A 479 6.19 -15.17 -2.96
C ASN A 479 6.16 -16.00 -1.70
N THR A 480 5.07 -16.74 -1.47
CA THR A 480 5.01 -17.62 -0.31
C THR A 480 4.34 -18.95 -0.70
N ASP A 481 4.50 -19.93 0.18
CA ASP A 481 3.73 -21.17 0.14
C ASP A 481 2.74 -21.12 1.30
N ARG A 482 1.47 -20.90 1.00
CA ARG A 482 0.45 -20.74 2.02
C ARG A 482 0.03 -22.06 2.66
N THR A 483 0.40 -23.22 2.06
CA THR A 483 -0.08 -24.49 2.56
C THR A 483 1.06 -25.48 2.66
N PRO A 484 2.07 -25.19 3.52
CA PRO A 484 3.25 -26.04 3.67
C PRO A 484 3.10 -27.34 4.45
N LEU A 485 1.92 -27.53 5.07
CA LEU A 485 1.57 -28.72 5.83
C LEU A 485 0.27 -29.27 5.29
N ALA A 486 0.26 -30.58 5.03
CA ALA A 486 -0.99 -31.22 4.75
C ALA A 486 -1.89 -31.15 5.98
N ASP A 487 -3.19 -30.94 5.76
CA ASP A 487 -4.14 -30.89 6.83
C ASP A 487 -4.03 -32.19 7.62
N GLY A 488 -3.99 -32.08 8.95
CA GLY A 488 -3.87 -33.24 9.80
C GLY A 488 -3.39 -32.88 11.19
N THR A 489 -3.15 -33.94 11.99
CA THR A 489 -2.75 -33.81 13.38
C THR A 489 -1.23 -33.87 13.51
N TYR A 490 -0.69 -32.90 14.26
CA TYR A 490 0.75 -32.75 14.47
C TYR A 490 1.08 -32.45 15.92
N ARG A 491 2.23 -32.97 16.36
CA ARG A 491 2.89 -32.44 17.55
C ARG A 491 3.78 -31.30 17.10
N LEU A 492 3.84 -30.23 17.89
CA LEU A 492 4.65 -29.06 17.62
C LEU A 492 5.70 -28.92 18.71
N THR A 493 6.96 -29.21 18.37
CA THR A 493 7.99 -29.42 19.38
C THR A 493 9.15 -28.43 19.26
N THR A 494 9.77 -28.18 20.40
CA THR A 494 11.05 -27.48 20.49
C THR A 494 11.89 -28.16 21.57
N GLY A 495 13.03 -28.74 21.20
CA GLY A 495 13.83 -29.47 22.18
C GLY A 495 13.03 -30.59 22.83
N ALA A 496 12.97 -30.55 24.17
CA ALA A 496 12.23 -31.51 24.98
C ALA A 496 10.77 -31.10 25.17
N LYS A 497 10.35 -29.94 24.63
CA LYS A 497 9.02 -29.40 24.92
C LYS A 497 8.08 -29.54 23.72
N ALA A 498 6.78 -29.54 24.02
CA ALA A 498 5.78 -29.49 22.97
C ALA A 498 4.69 -28.50 23.38
N LEU A 499 4.06 -27.87 22.38
CA LEU A 499 2.93 -26.97 22.61
C LEU A 499 1.77 -27.78 23.20
N ALA A 500 1.18 -27.27 24.28
CA ALA A 500 0.15 -28.02 25.01
C ALA A 500 -0.81 -27.08 25.71
N PRO A 501 -2.06 -27.52 25.99
CA PRO A 501 -2.97 -26.73 26.83
C PRO A 501 -2.53 -26.70 28.29
N THR A 502 -2.68 -25.52 28.94
CA THR A 502 -2.30 -25.37 30.33
C THR A 502 -3.43 -24.67 31.08
N ALA A 503 -3.12 -24.12 32.26
CA ALA A 503 -4.14 -23.57 33.14
C ALA A 503 -4.85 -22.38 32.50
N ASP A 504 -6.16 -22.29 32.77
CA ASP A 504 -6.96 -21.08 32.57
C ASP A 504 -7.02 -20.75 31.09
N ALA A 505 -7.29 -21.79 30.27
CA ALA A 505 -7.43 -21.74 28.83
C ALA A 505 -6.15 -21.25 28.18
N GLY A 506 -5.03 -21.40 28.85
CA GLY A 506 -3.75 -20.99 28.31
C GLY A 506 -3.10 -22.10 27.50
N VAL A 507 -2.00 -21.74 26.84
CA VAL A 507 -1.23 -22.69 26.06
C VAL A 507 0.23 -22.45 26.41
N SER A 508 1.02 -23.52 26.55
CA SER A 508 2.43 -23.40 26.95
C SER A 508 3.30 -24.38 26.18
N LEU A 509 4.63 -24.17 26.26
CA LEU A 509 5.59 -25.18 25.85
C LEU A 509 5.91 -26.03 27.07
N VAL A 510 5.49 -27.30 27.04
CA VAL A 510 5.52 -28.15 28.24
C VAL A 510 6.54 -29.26 28.00
N LYS A 511 7.46 -29.44 28.95
CA LYS A 511 8.46 -30.52 28.84
C LYS A 511 7.78 -31.87 28.77
N ASN A 512 8.24 -32.68 27.81
CA ASN A 512 7.84 -34.07 27.70
C ASN A 512 6.36 -34.28 27.39
N SER A 513 5.67 -33.23 26.92
CA SER A 513 4.26 -33.34 26.57
C SER A 513 4.06 -34.13 25.28
N ALA A 514 3.00 -34.97 25.23
CA ALA A 514 2.58 -35.65 24.00
C ALA A 514 1.39 -34.96 23.33
N ALA A 515 1.08 -33.72 23.74
CA ALA A 515 -0.04 -32.99 23.17
C ALA A 515 0.10 -32.80 21.65
N SER A 516 -1.05 -32.74 20.98
CA SER A 516 -1.10 -32.58 19.52
C SER A 516 -2.22 -31.62 19.11
N TRP A 517 -2.16 -31.24 17.83
CA TRP A 517 -3.02 -30.18 17.29
C TRP A 517 -3.48 -30.56 15.90
N ALA A 518 -4.76 -30.32 15.62
CA ALA A 518 -5.33 -30.46 14.27
C ALA A 518 -5.11 -29.15 13.52
N LEU A 519 -4.29 -29.22 12.47
CA LEU A 519 -4.03 -28.07 11.60
C LEU A 519 -4.83 -28.22 10.30
N THR A 520 -5.64 -27.20 10.00
CA THR A 520 -6.43 -27.20 8.77
C THR A 520 -6.32 -25.85 8.07
N ALA A 521 -5.99 -25.88 6.78
CA ALA A 521 -5.82 -24.65 6.01
C ALA A 521 -7.17 -23.95 5.86
N THR A 522 -7.17 -22.60 5.88
CA THR A 522 -8.35 -21.81 5.63
C THR A 522 -8.34 -21.34 4.18
N ALA A 523 -9.46 -20.77 3.73
CA ALA A 523 -9.53 -20.28 2.37
C ALA A 523 -8.62 -19.08 2.10
N ASP A 524 -8.31 -18.29 3.15
CA ASP A 524 -7.52 -17.08 3.05
C ASP A 524 -6.05 -17.29 3.39
N GLY A 525 -5.50 -18.53 3.27
CA GLY A 525 -4.06 -18.68 3.35
C GLY A 525 -3.47 -18.83 4.75
N TYR A 526 -4.34 -19.20 5.71
CA TYR A 526 -3.94 -19.41 7.09
C TYR A 526 -4.30 -20.84 7.49
N TYR A 527 -4.14 -21.15 8.79
CA TYR A 527 -4.53 -22.44 9.34
C TYR A 527 -5.30 -22.21 10.64
N THR A 528 -6.30 -23.06 10.91
CA THR A 528 -6.80 -23.16 12.26
C THR A 528 -5.95 -24.20 12.99
N VAL A 529 -5.80 -24.01 14.30
CA VAL A 529 -4.88 -24.78 15.11
C VAL A 529 -5.69 -25.25 16.31
N ARG A 530 -6.17 -26.50 16.28
CA ARG A 530 -7.17 -26.95 17.24
C ARG A 530 -6.59 -28.04 18.13
N SER A 531 -6.78 -27.86 19.43
CA SER A 531 -6.22 -28.79 20.40
C SER A 531 -6.93 -30.13 20.29
N THR A 532 -6.18 -31.23 20.09
CA THR A 532 -6.77 -32.55 20.10
C THR A 532 -7.31 -32.89 21.49
N GLU A 533 -6.81 -32.27 22.57
CA GLU A 533 -7.29 -32.60 23.90
C GLU A 533 -8.69 -32.04 24.16
N SER A 534 -8.84 -30.71 23.97
CA SER A 534 -9.96 -29.90 24.38
C SER A 534 -10.93 -29.62 23.22
N GLY A 535 -10.45 -29.71 21.97
CA GLY A 535 -11.21 -29.36 20.79
C GLY A 535 -11.32 -27.85 20.55
N GLN A 536 -10.61 -27.05 21.35
CA GLN A 536 -10.72 -25.60 21.23
C GLN A 536 -9.60 -25.08 20.32
N CYS A 537 -9.79 -23.87 19.78
CA CYS A 537 -8.88 -23.27 18.83
C CYS A 537 -7.92 -22.28 19.46
N LEU A 538 -6.65 -22.32 18.99
CA LEU A 538 -5.64 -21.36 19.39
C LEU A 538 -6.03 -19.97 18.92
N ASP A 539 -6.01 -19.01 19.86
CA ASP A 539 -6.57 -17.68 19.62
C ASP A 539 -5.69 -16.62 20.30
N ALA A 540 -5.90 -15.35 19.90
CA ALA A 540 -5.31 -14.19 20.56
C ALA A 540 -6.41 -13.24 20.98
N VAL A 541 -6.74 -13.23 22.28
CA VAL A 541 -7.87 -12.44 22.78
C VAL A 541 -7.45 -11.64 24.00
N ARG A 542 -6.19 -11.74 24.44
CA ARG A 542 -5.75 -11.07 25.64
C ARG A 542 -4.85 -9.89 25.30
N GLY A 543 -4.79 -8.96 26.25
CA GLY A 543 -3.88 -7.83 26.17
C GLY A 543 -4.56 -6.60 25.57
N LYS A 544 -3.80 -5.50 25.48
CA LYS A 544 -4.30 -4.24 24.97
C LYS A 544 -4.74 -4.38 23.51
N LYS A 545 -5.89 -3.78 23.22
CA LYS A 545 -6.39 -3.71 21.85
C LYS A 545 -6.28 -2.30 21.29
N TYR A 546 -5.94 -2.25 20.00
CA TYR A 546 -6.10 -1.06 19.21
C TYR A 546 -6.92 -1.46 17.99
N LEU A 547 -7.93 -0.63 17.69
CA LEU A 547 -8.85 -0.86 16.58
C LEU A 547 -9.49 -2.23 16.68
N GLY A 548 -9.68 -2.74 17.91
CA GLY A 548 -10.33 -4.02 18.12
C GLY A 548 -9.38 -5.22 18.01
N ALA A 549 -8.10 -4.98 17.71
CA ALA A 549 -7.16 -6.07 17.43
C ALA A 549 -6.20 -6.23 18.62
N PRO A 550 -5.81 -7.48 19.01
CA PRO A 550 -4.89 -7.74 20.12
C PRO A 550 -3.44 -7.48 19.69
N LEU A 551 -2.93 -6.27 19.94
CA LEU A 551 -1.64 -5.86 19.42
C LEU A 551 -0.60 -5.68 20.50
N GLU A 552 -0.76 -6.31 21.67
CA GLU A 552 0.24 -6.17 22.70
C GLU A 552 1.26 -7.28 22.64
N VAL A 553 2.54 -6.89 22.54
CA VAL A 553 3.65 -7.81 22.58
C VAL A 553 3.76 -8.30 24.02
N GLY A 554 3.75 -9.63 24.19
CA GLY A 554 3.76 -10.25 25.51
C GLY A 554 2.41 -10.86 25.85
N ALA A 555 1.35 -10.53 25.10
CA ALA A 555 0.02 -11.04 25.45
C ALA A 555 -0.01 -12.56 25.31
N GLU A 556 -0.73 -13.22 26.24
CA GLU A 556 -0.79 -14.66 26.24
C GLU A 556 -1.74 -15.12 25.15
N LEU A 557 -1.37 -16.26 24.54
CA LEU A 557 -2.30 -16.93 23.66
C LEU A 557 -3.23 -17.80 24.48
N SER A 558 -4.37 -18.15 23.92
CA SER A 558 -5.32 -18.96 24.69
C SER A 558 -6.10 -19.84 23.74
N LEU A 559 -7.02 -20.62 24.33
CA LEU A 559 -7.90 -21.52 23.62
C LEU A 559 -9.33 -21.01 23.76
N ALA A 560 -10.06 -21.04 22.64
CA ALA A 560 -11.45 -20.59 22.61
C ALA A 560 -12.27 -21.48 21.66
N ASN A 561 -13.59 -21.47 21.85
CA ASN A 561 -14.44 -22.22 20.96
C ASN A 561 -14.12 -21.83 19.53
N CYS A 562 -14.00 -22.82 18.66
CA CYS A 562 -13.73 -22.54 17.25
C CYS A 562 -14.87 -21.73 16.64
N SER A 563 -14.50 -20.74 15.83
CA SER A 563 -15.42 -19.83 15.21
C SER A 563 -14.98 -19.53 13.78
N THR A 564 -15.91 -19.57 12.83
CA THR A 564 -15.56 -19.28 11.46
C THR A 564 -15.30 -17.81 11.22
N THR A 565 -15.74 -16.93 12.12
CA THR A 565 -15.60 -15.49 11.92
C THR A 565 -14.47 -14.88 12.73
N ALA A 566 -13.94 -15.58 13.75
CA ALA A 566 -12.85 -15.08 14.55
C ALA A 566 -11.54 -15.10 13.77
N ARG A 567 -11.12 -13.96 13.24
CA ARG A 567 -9.91 -13.93 12.43
C ARG A 567 -8.66 -14.12 13.30
N THR A 568 -8.77 -13.88 14.60
CA THR A 568 -7.65 -14.07 15.51
C THR A 568 -7.37 -15.56 15.77
N GLN A 569 -8.22 -16.45 15.28
CA GLN A 569 -8.00 -17.90 15.33
C GLN A 569 -7.29 -18.40 14.08
N ARG A 570 -6.85 -17.48 13.20
CA ARG A 570 -6.15 -17.86 12.00
C ARG A 570 -4.65 -17.64 12.12
N TRP A 571 -3.86 -18.63 11.69
CA TRP A 571 -2.41 -18.65 11.92
C TRP A 571 -1.70 -18.86 10.59
N GLN A 572 -0.68 -18.05 10.33
CA GLN A 572 0.19 -18.26 9.17
C GLN A 572 1.37 -19.13 9.57
N LEU A 573 1.63 -20.18 8.78
CA LEU A 573 2.77 -21.04 9.00
C LEU A 573 3.97 -20.51 8.25
N ASP A 574 4.95 -19.92 8.96
CA ASP A 574 6.16 -19.39 8.35
C ASP A 574 7.20 -20.50 8.36
N THR A 575 7.75 -20.87 7.19
CA THR A 575 8.52 -22.11 7.06
C THR A 575 10.03 -21.93 7.19
N GLY A 576 10.68 -22.95 7.78
CA GLY A 576 12.08 -23.25 7.59
C GLY A 576 12.25 -24.74 7.32
N ALA A 577 13.50 -25.15 7.07
CA ALA A 577 13.83 -26.52 6.75
C ALA A 577 13.51 -27.44 7.94
N GLY A 578 14.01 -27.09 9.13
CA GLY A 578 13.85 -27.97 10.28
C GLY A 578 12.60 -27.67 11.11
N ALA A 579 11.96 -26.52 10.86
CA ALA A 579 10.97 -26.00 11.79
C ALA A 579 10.15 -24.87 11.18
N LEU A 580 9.10 -24.48 11.88
CA LEU A 580 8.22 -23.43 11.41
C LEU A 580 7.91 -22.51 12.59
N THR A 581 7.37 -21.35 12.25
CA THR A 581 6.86 -20.44 13.27
C THR A 581 5.38 -20.16 12.98
N LEU A 582 4.62 -19.82 14.03
CA LEU A 582 3.19 -19.53 13.90
C LEU A 582 2.97 -18.04 14.10
N ARG A 583 2.40 -17.39 13.07
CA ARG A 583 2.15 -15.96 13.09
C ARG A 583 0.65 -15.73 13.17
N ASN A 584 0.20 -14.86 14.09
CA ASN A 584 -1.22 -14.61 14.16
C ASN A 584 -1.63 -13.76 12.97
N ALA A 585 -2.70 -14.17 12.28
CA ALA A 585 -3.09 -13.45 11.07
C ALA A 585 -3.32 -11.97 11.33
N ILE A 586 -4.00 -11.66 12.43
CA ILE A 586 -4.41 -10.29 12.78
C ILE A 586 -3.27 -9.52 13.42
N SER A 587 -2.68 -10.02 14.50
CA SER A 587 -1.66 -9.25 15.21
C SER A 587 -0.33 -9.19 14.47
N GLN A 588 -0.05 -10.21 13.65
CA GLN A 588 1.19 -10.32 12.91
C GLN A 588 2.39 -10.54 13.85
N LEU A 589 2.11 -11.00 15.07
CA LEU A 589 3.14 -11.39 16.03
C LEU A 589 3.23 -12.92 16.03
N HIS A 590 4.34 -13.47 16.51
CA HIS A 590 4.57 -14.91 16.45
C HIS A 590 4.45 -15.53 17.83
N LEU A 591 4.02 -16.78 17.83
CA LEU A 591 4.03 -17.61 19.05
C LEU A 591 5.45 -17.72 19.57
N THR A 592 5.63 -17.36 20.84
CA THR A 592 6.92 -17.33 21.51
C THR A 592 6.77 -17.93 22.90
N GLU A 593 7.76 -18.68 23.38
CA GLU A 593 7.80 -19.19 24.74
C GLU A 593 8.24 -18.09 25.72
N ARG A 594 7.43 -17.90 26.78
CA ARG A 594 7.73 -17.00 27.88
C ARG A 594 8.64 -17.73 28.85
N ALA A 595 9.81 -17.16 29.16
CA ALA A 595 10.84 -17.93 29.85
C ALA A 595 10.42 -18.34 31.26
N SER A 596 9.71 -17.48 32.00
CA SER A 596 9.44 -17.74 33.40
C SER A 596 8.57 -19.00 33.60
N ASP A 597 7.54 -19.18 32.76
CA ASP A 597 6.54 -20.21 32.99
C ASP A 597 6.24 -21.03 31.74
N GLY A 598 6.98 -20.80 30.64
CA GLY A 598 6.78 -21.54 29.41
C GLY A 598 5.50 -21.17 28.66
N ALA A 599 4.78 -20.11 29.08
CA ALA A 599 3.54 -19.76 28.40
C ALA A 599 3.82 -19.36 26.97
N ALA A 600 2.90 -19.75 26.07
CA ALA A 600 2.89 -19.22 24.73
C ALA A 600 2.29 -17.80 24.76
N VAL A 601 3.06 -16.84 24.25
CA VAL A 601 2.76 -15.43 24.19
C VAL A 601 3.07 -14.99 22.75
N GLN A 602 2.58 -13.82 22.36
CA GLN A 602 2.86 -13.29 21.05
C GLN A 602 3.93 -12.20 21.12
N THR A 603 4.98 -12.34 20.28
CA THR A 603 6.07 -11.37 20.28
C THR A 603 6.59 -11.17 18.86
N THR A 604 7.58 -10.27 18.70
CA THR A 604 8.20 -10.01 17.42
C THR A 604 9.35 -10.96 17.14
N GLY A 605 9.71 -11.78 18.13
CA GLY A 605 10.59 -12.91 17.91
C GLY A 605 9.71 -14.10 17.56
N ALA A 606 10.20 -15.29 17.79
CA ALA A 606 9.39 -16.49 17.56
C ALA A 606 10.09 -17.69 18.16
N THR A 607 9.30 -18.66 18.62
CA THR A 607 9.82 -19.97 18.97
C THR A 607 9.69 -20.86 17.72
N ARG A 608 10.78 -21.51 17.32
CA ARG A 608 10.79 -22.41 16.17
C ARG A 608 10.29 -23.77 16.59
N LEU A 609 9.26 -24.26 15.91
CA LEU A 609 8.57 -25.49 16.25
C LEU A 609 8.73 -26.48 15.11
N THR A 610 8.99 -27.73 15.46
CA THR A 610 9.05 -28.79 14.47
C THR A 610 7.69 -29.47 14.49
N ALA A 611 7.09 -29.62 13.29
CA ALA A 611 5.82 -30.31 13.13
C ALA A 611 6.08 -31.78 12.91
N ARG A 612 5.50 -32.62 13.74
CA ARG A 612 5.69 -34.05 13.64
C ARG A 612 4.32 -34.70 13.50
N ALA A 613 4.09 -35.40 12.39
CA ALA A 613 2.81 -36.04 12.15
C ALA A 613 2.52 -36.93 13.33
N ALA A 614 1.28 -36.87 13.85
CA ALA A 614 0.88 -37.71 14.96
C ALA A 614 -0.25 -38.64 14.52
C1 GAL B . -7.13 7.49 9.45
C2 GAL B . -6.01 8.38 9.96
C3 GAL B . -4.81 7.54 10.17
C4 GAL B . -5.12 6.30 11.02
C5 GAL B . -6.27 5.54 10.45
C6 GAL B . -6.71 4.35 11.26
O2 GAL B . -5.79 9.44 9.03
O3 GAL B . -3.78 8.37 10.74
O4 GAL B . -5.41 6.74 12.36
O5 GAL B . -7.38 6.44 10.40
O6 GAL B . -7.79 3.67 10.57
C1 NDG C . -11.65 9.30 8.13
C2 NDG C . -10.15 9.42 8.47
C3 NDG C . -9.54 8.07 8.86
C4 NDG C . -10.38 7.19 9.79
C5 NDG C . -11.84 7.24 9.36
C6 NDG C . -12.74 6.64 10.40
C7 NDG C . -9.12 9.78 6.21
C8 NDG C . -8.06 10.58 5.47
O5 NDG C . -12.25 8.61 9.21
O3 NDG C . -8.37 8.47 9.55
O4 NDG C . -9.94 5.83 9.69
O6 NDG C . -14.05 6.53 9.88
O7 NDG C . -9.76 8.89 5.65
N2 NDG C . -9.33 10.13 7.50
O1 NDG C . -11.92 8.60 6.97
#